data_1H2S
#
_entry.id   1H2S
#
_cell.length_a   124.300
_cell.length_b   46.960
_cell.length_c   53.840
_cell.angle_alpha   90.00
_cell.angle_beta   90.00
_cell.angle_gamma   90.00
#
_symmetry.space_group_name_H-M   'P 21 21 2'
#
loop_
_entity.id
_entity.type
_entity.pdbx_description
1 polymer 'SENSORY RHODOPSIN II'
2 polymer 'SENSORY RHODOPSIN II TRANSDUCER'
3 non-polymer 'octyl beta-D-glucopyranoside'
4 non-polymer RETINAL
5 water water
#
loop_
_entity_poly.entity_id
_entity_poly.type
_entity_poly.pdbx_seq_one_letter_code
_entity_poly.pdbx_strand_id
1 'polypeptide(L)'
;MVGLTTLFWLGAIGMLVGTLAFAWAGRDAGSGERRYYVTLVGISGIAAVAYVVMALGVGWVPVAERTVFAPRYIDWILTT
PLIVYFLGLLAGLDSREFGIVITLNTVVMLAGFAGAMVPGIERYALFGMGAVAFLGLVYYLVGPMTESASQRSSGIKSLY
VRLRNLTVILWAIYPFIWLLGPPGVALLTPTVDVALIVYLDLVTKVGFGFIALDAAATLRAEHGE
;
A
2 'polypeptide(L)' GAVFIFVGALTVLFGAIAYGEVTAAAATGDAAAVQEAAVSAILGLIILLGINLGLVAATL B
#
loop_
_chem_comp.id
_chem_comp.type
_chem_comp.name
_chem_comp.formula
BOG D-saccharide 'octyl beta-D-glucopyranoside' 'C14 H28 O6'
RET non-polymer RETINAL 'C20 H28 O'
#
# COMPACT_ATOMS: atom_id res chain seq x y z
N MET A 1 24.27 2.91 10.37
CA MET A 1 24.11 4.16 9.58
C MET A 1 23.30 3.90 8.33
N VAL A 2 22.00 4.19 8.44
CA VAL A 2 21.02 4.03 7.38
C VAL A 2 20.51 2.61 7.11
N GLY A 3 19.47 2.26 7.86
CA GLY A 3 18.82 0.97 7.69
C GLY A 3 17.65 1.33 6.76
N LEU A 4 17.58 2.61 6.41
CA LEU A 4 16.54 3.09 5.49
C LEU A 4 16.72 2.39 4.16
N THR A 5 17.95 2.43 3.64
CA THR A 5 18.27 1.80 2.36
C THR A 5 17.98 0.32 2.46
N THR A 6 18.24 -0.27 3.63
CA THR A 6 17.98 -1.68 3.84
C THR A 6 16.48 -1.98 3.73
N LEU A 7 15.66 -1.09 4.27
CA LEU A 7 14.22 -1.27 4.20
C LEU A 7 13.77 -1.13 2.75
N PHE A 8 14.36 -0.18 2.03
CA PHE A 8 13.97 0.00 0.62
C PHE A 8 14.33 -1.22 -0.21
N TRP A 9 15.52 -1.77 0.03
CA TRP A 9 15.96 -2.95 -0.71
C TRP A 9 15.01 -4.12 -0.40
N LEU A 10 14.59 -4.23 0.87
CA LEU A 10 13.66 -5.30 1.24
C LEU A 10 12.34 -5.13 0.48
N GLY A 11 11.89 -3.89 0.34
CA GLY A 11 10.65 -3.63 -0.39
C GLY A 11 10.84 -3.99 -1.85
N ALA A 12 12.00 -3.65 -2.40
CA ALA A 12 12.30 -3.95 -3.79
C ALA A 12 12.29 -5.46 -4.05
N ILE A 13 12.92 -6.19 -3.14
CA ILE A 13 12.99 -7.66 -3.23
C ILE A 13 11.60 -8.26 -3.18
N GLY A 14 10.79 -7.80 -2.22
CA GLY A 14 9.43 -8.31 -2.11
C GLY A 14 8.62 -8.05 -3.35
N MET A 15 8.71 -6.83 -3.89
CA MET A 15 7.98 -6.49 -5.12
C MET A 15 8.48 -7.31 -6.30
N LEU A 16 9.79 -7.54 -6.37
CA LEU A 16 10.39 -8.33 -7.45
C LEU A 16 9.91 -9.77 -7.41
N VAL A 17 9.88 -10.34 -6.22
CA VAL A 17 9.43 -11.71 -6.05
C VAL A 17 7.99 -11.79 -6.53
N GLY A 18 7.19 -10.82 -6.12
CA GLY A 18 5.79 -10.83 -6.55
C GLY A 18 5.68 -10.72 -8.05
N THR A 19 6.44 -9.79 -8.62
CA THR A 19 6.39 -9.57 -10.06
C THR A 19 6.70 -10.86 -10.85
N LEU A 20 7.73 -11.55 -10.41
CA LEU A 20 8.13 -12.79 -11.07
C LEU A 20 7.08 -13.89 -10.88
N ALA A 21 6.49 -13.94 -9.69
CA ALA A 21 5.47 -14.96 -9.39
C ALA A 21 4.25 -14.78 -10.26
N PHE A 22 3.77 -13.53 -10.36
CA PHE A 22 2.60 -13.24 -11.18
C PHE A 22 2.88 -13.48 -12.66
N ALA A 23 4.04 -13.06 -13.14
CA ALA A 23 4.42 -13.27 -14.53
C ALA A 23 4.41 -14.77 -14.87
N TRP A 24 5.04 -15.57 -14.02
CA TRP A 24 5.09 -17.01 -14.22
C TRP A 24 3.69 -17.63 -14.16
N ALA A 25 2.90 -17.24 -13.17
CA ALA A 25 1.54 -17.76 -13.01
C ALA A 25 0.65 -17.48 -14.21
N GLY A 26 0.98 -16.44 -14.96
CA GLY A 26 0.18 -16.11 -16.12
C GLY A 26 0.78 -16.57 -17.44
N ARG A 27 1.84 -17.37 -17.39
CA ARG A 27 2.51 -17.84 -18.60
C ARG A 27 1.56 -18.54 -19.57
N ASP A 28 0.68 -19.37 -19.04
CA ASP A 28 -0.27 -20.09 -19.88
C ASP A 28 -1.70 -19.61 -19.66
N ALA A 29 -1.85 -18.36 -19.23
CA ALA A 29 -3.18 -17.80 -18.98
C ALA A 29 -3.97 -17.66 -20.28
N GLY A 30 -5.29 -17.84 -20.19
CA GLY A 30 -6.14 -17.71 -21.34
C GLY A 30 -6.28 -16.27 -21.82
N SER A 31 -6.99 -16.09 -22.92
CA SER A 31 -7.20 -14.75 -23.49
C SER A 31 -8.14 -13.91 -22.65
N GLY A 32 -8.79 -14.54 -21.68
CA GLY A 32 -9.71 -13.82 -20.82
C GLY A 32 -9.06 -13.43 -19.50
N GLU A 33 -8.11 -14.24 -19.04
CA GLU A 33 -7.40 -13.99 -17.79
C GLU A 33 -6.15 -13.14 -17.99
N ARG A 34 -5.64 -13.13 -19.22
CA ARG A 34 -4.43 -12.40 -19.57
C ARG A 34 -4.27 -11.00 -18.96
N ARG A 35 -5.22 -10.10 -19.23
CA ARG A 35 -5.17 -8.73 -18.71
C ARG A 35 -4.93 -8.68 -17.20
N TYR A 36 -5.51 -9.64 -16.48
CA TYR A 36 -5.39 -9.70 -15.04
C TYR A 36 -3.95 -9.93 -14.60
N TYR A 37 -3.31 -10.93 -15.19
CA TYR A 37 -1.93 -11.24 -14.86
C TYR A 37 -0.99 -10.11 -15.27
N VAL A 38 -1.25 -9.53 -16.43
CA VAL A 38 -0.42 -8.43 -16.92
C VAL A 38 -0.51 -7.23 -15.99
N THR A 39 -1.72 -6.98 -15.49
CA THR A 39 -1.93 -5.86 -14.59
C THR A 39 -1.18 -6.06 -13.29
N LEU A 40 -1.26 -7.26 -12.72
CA LEU A 40 -0.56 -7.56 -11.48
C LEU A 40 0.95 -7.36 -11.65
N VAL A 41 1.48 -7.81 -12.79
CA VAL A 41 2.91 -7.65 -13.07
C VAL A 41 3.27 -6.15 -13.10
N GLY A 42 2.39 -5.34 -13.68
CA GLY A 42 2.64 -3.91 -13.76
C GLY A 42 2.58 -3.25 -12.39
N ILE A 43 1.64 -3.70 -11.56
CA ILE A 43 1.49 -3.13 -10.22
C ILE A 43 2.75 -3.33 -9.38
N SER A 44 3.18 -4.58 -9.25
CA SER A 44 4.36 -4.89 -8.47
C SER A 44 5.65 -4.49 -9.16
N GLY A 45 5.69 -4.55 -10.49
CA GLY A 45 6.89 -4.19 -11.24
C GLY A 45 7.26 -2.72 -11.08
N ILE A 46 6.28 -1.85 -11.24
CA ILE A 46 6.54 -0.43 -11.07
C ILE A 46 6.95 -0.17 -9.61
N ALA A 47 6.25 -0.79 -8.67
CA ALA A 47 6.58 -0.58 -7.26
C ALA A 47 8.04 -1.01 -7.03
N ALA A 48 8.45 -2.13 -7.62
CA ALA A 48 9.83 -2.61 -7.51
C ALA A 48 10.83 -1.53 -7.99
N VAL A 49 10.53 -0.90 -9.12
CA VAL A 49 11.44 0.13 -9.62
C VAL A 49 11.56 1.30 -8.63
N ALA A 50 10.41 1.75 -8.12
CA ALA A 50 10.41 2.85 -7.15
C ALA A 50 11.26 2.51 -5.93
N TYR A 51 11.12 1.29 -5.42
CA TYR A 51 11.91 0.92 -4.26
C TYR A 51 13.40 0.87 -4.56
N VAL A 52 13.76 0.36 -5.74
CA VAL A 52 15.18 0.31 -6.11
C VAL A 52 15.73 1.73 -6.20
N VAL A 53 14.98 2.63 -6.82
CA VAL A 53 15.44 4.02 -6.93
C VAL A 53 15.69 4.62 -5.55
N MET A 54 14.74 4.43 -4.64
CA MET A 54 14.90 4.96 -3.29
C MET A 54 16.05 4.29 -2.55
N ALA A 55 16.19 2.98 -2.73
CA ALA A 55 17.29 2.24 -2.10
C ALA A 55 18.65 2.76 -2.57
N LEU A 56 18.70 3.26 -3.81
CA LEU A 56 19.94 3.82 -4.36
C LEU A 56 20.16 5.26 -3.90
N GLY A 57 19.29 5.78 -3.05
CA GLY A 57 19.42 7.14 -2.55
C GLY A 57 18.95 8.21 -3.51
N VAL A 58 18.05 7.84 -4.42
CA VAL A 58 17.57 8.80 -5.39
C VAL A 58 16.12 9.21 -5.09
N GLY A 59 15.82 10.49 -5.25
CA GLY A 59 14.47 10.97 -5.00
C GLY A 59 14.19 11.34 -3.56
N TRP A 60 15.24 11.45 -2.76
CA TRP A 60 15.09 11.84 -1.36
C TRP A 60 14.96 13.36 -1.32
N VAL A 61 13.86 13.86 -0.76
CA VAL A 61 13.64 15.30 -0.69
C VAL A 61 13.45 15.84 0.73
N PRO A 62 14.52 16.42 1.29
CA PRO A 62 14.54 16.99 2.65
C PRO A 62 13.69 18.27 2.77
N VAL A 63 12.38 18.13 2.62
CA VAL A 63 11.46 19.27 2.75
C VAL A 63 11.57 19.82 4.17
N ALA A 64 11.31 21.10 4.34
CA ALA A 64 11.37 21.78 5.65
C ALA A 64 11.54 20.91 6.89
N GLU A 65 12.79 20.63 7.25
CA GLU A 65 13.13 19.84 8.42
C GLU A 65 12.46 18.46 8.43
N ARG A 66 12.13 17.96 7.25
CA ARG A 66 11.53 16.64 7.14
C ARG A 66 12.03 15.95 5.88
N THR A 67 11.84 14.63 5.82
CA THR A 67 12.28 13.90 4.65
C THR A 67 11.15 13.16 3.97
N VAL A 68 10.88 13.52 2.71
CA VAL A 68 9.86 12.86 1.89
C VAL A 68 10.52 12.16 0.70
N PHE A 69 9.86 11.13 0.19
CA PHE A 69 10.42 10.34 -0.89
C PHE A 69 9.56 10.45 -2.11
N ALA A 70 10.06 11.19 -3.11
CA ALA A 70 9.30 11.40 -4.33
C ALA A 70 8.87 10.11 -5.01
N PRO A 71 9.80 9.13 -5.15
CA PRO A 71 9.45 7.87 -5.82
C PRO A 71 8.24 7.17 -5.20
N ARG A 72 8.06 7.30 -3.88
CA ARG A 72 6.92 6.67 -3.20
C ARG A 72 5.60 7.19 -3.81
N TYR A 73 5.47 8.50 -3.85
CA TYR A 73 4.25 9.12 -4.40
C TYR A 73 4.07 8.93 -5.91
N ILE A 74 5.18 8.89 -6.65
CA ILE A 74 5.10 8.67 -8.09
C ILE A 74 4.59 7.23 -8.30
N ASP A 75 5.15 6.32 -7.53
CA ASP A 75 4.74 4.89 -7.55
C ASP A 75 3.22 4.84 -7.34
N TRP A 76 2.74 5.45 -6.25
CA TRP A 76 1.32 5.43 -5.96
C TRP A 76 0.45 5.98 -7.09
N ILE A 77 0.85 7.11 -7.62
CA ILE A 77 0.11 7.75 -8.70
C ILE A 77 -0.08 6.80 -9.89
N LEU A 78 0.96 6.01 -10.17
CA LEU A 78 0.93 5.07 -11.30
C LEU A 78 0.43 3.65 -11.00
N THR A 79 0.58 3.18 -9.77
CA THR A 79 0.15 1.82 -9.43
C THR A 79 -1.27 1.67 -8.87
N THR A 80 -1.70 2.61 -8.03
CA THR A 80 -3.04 2.54 -7.45
C THR A 80 -4.12 2.49 -8.52
N PRO A 81 -3.96 3.26 -9.61
CA PRO A 81 -4.99 3.20 -10.64
C PRO A 81 -4.99 1.83 -11.33
N LEU A 82 -3.87 1.11 -11.30
CA LEU A 82 -3.86 -0.22 -11.91
C LEU A 82 -4.58 -1.17 -10.96
N ILE A 83 -4.46 -0.94 -9.66
CA ILE A 83 -5.18 -1.77 -8.70
C ILE A 83 -6.69 -1.51 -8.92
N VAL A 84 -7.06 -0.24 -9.01
CA VAL A 84 -8.49 0.08 -9.24
C VAL A 84 -8.95 -0.55 -10.56
N TYR A 85 -8.07 -0.53 -11.55
CA TYR A 85 -8.40 -1.09 -12.86
C TYR A 85 -8.69 -2.59 -12.71
N PHE A 86 -7.82 -3.29 -11.99
CA PHE A 86 -7.98 -4.73 -11.75
C PHE A 86 -9.35 -4.97 -11.08
N LEU A 87 -9.63 -4.21 -10.04
CA LEU A 87 -10.91 -4.37 -9.35
C LEU A 87 -12.07 -4.09 -10.32
N GLY A 88 -11.92 -3.04 -11.13
CA GLY A 88 -12.96 -2.67 -12.09
C GLY A 88 -13.20 -3.75 -13.13
N LEU A 89 -12.14 -4.43 -13.53
CA LEU A 89 -12.26 -5.53 -14.48
C LEU A 89 -13.09 -6.66 -13.85
N LEU A 90 -12.82 -6.98 -12.60
CA LEU A 90 -13.59 -8.03 -11.93
C LEU A 90 -15.05 -7.63 -11.80
N ALA A 91 -15.29 -6.35 -11.49
CA ALA A 91 -16.66 -5.84 -11.35
C ALA A 91 -17.38 -5.77 -12.68
N GLY A 92 -16.64 -5.70 -13.78
CA GLY A 92 -17.23 -5.63 -15.10
C GLY A 92 -17.68 -4.24 -15.49
N LEU A 93 -16.87 -3.25 -15.14
CA LEU A 93 -17.20 -1.86 -15.43
C LEU A 93 -17.05 -1.47 -16.90
N ASP A 94 -17.78 -0.44 -17.31
CA ASP A 94 -17.67 0.07 -18.66
C ASP A 94 -16.70 1.27 -18.63
N SER A 95 -16.33 1.79 -19.80
CA SER A 95 -15.41 2.92 -19.93
C SER A 95 -15.74 4.09 -19.01
N ARG A 96 -17.01 4.47 -18.99
CA ARG A 96 -17.49 5.57 -18.16
C ARG A 96 -17.20 5.34 -16.68
N GLU A 97 -17.67 4.20 -16.17
CA GLU A 97 -17.47 3.87 -14.76
C GLU A 97 -15.98 3.81 -14.43
N PHE A 98 -15.17 3.23 -15.31
CA PHE A 98 -13.73 3.18 -15.08
C PHE A 98 -13.19 4.60 -14.97
N GLY A 99 -13.62 5.49 -15.85
CA GLY A 99 -13.15 6.86 -15.82
C GLY A 99 -13.45 7.58 -14.51
N ILE A 100 -14.60 7.27 -13.94
CA ILE A 100 -14.97 7.90 -12.68
C ILE A 100 -14.03 7.48 -11.55
N VAL A 101 -13.85 6.17 -11.40
CA VAL A 101 -13.00 5.70 -10.28
C VAL A 101 -11.53 6.04 -10.44
N ILE A 102 -11.06 6.04 -11.68
CA ILE A 102 -9.66 6.39 -11.94
C ILE A 102 -9.44 7.88 -11.67
N THR A 103 -10.45 8.70 -11.97
CA THR A 103 -10.34 10.13 -11.71
C THR A 103 -10.25 10.35 -10.19
N LEU A 104 -11.16 9.75 -9.44
CA LEU A 104 -11.12 9.92 -8.00
C LEU A 104 -9.79 9.48 -7.41
N ASN A 105 -9.34 8.31 -7.84
CA ASN A 105 -8.07 7.76 -7.34
C ASN A 105 -6.90 8.69 -7.60
N THR A 106 -6.87 9.28 -8.79
CA THR A 106 -5.77 10.14 -9.16
C THR A 106 -5.77 11.39 -8.30
N VAL A 107 -6.96 11.90 -7.98
CA VAL A 107 -7.04 13.08 -7.12
C VAL A 107 -6.41 12.76 -5.77
N VAL A 108 -6.74 11.59 -5.23
CA VAL A 108 -6.16 11.20 -3.96
C VAL A 108 -4.61 11.21 -4.01
N MET A 109 -4.07 10.49 -4.99
CA MET A 109 -2.62 10.33 -5.12
C MET A 109 -1.89 11.64 -5.39
N LEU A 110 -2.47 12.45 -6.27
CA LEU A 110 -1.88 13.74 -6.57
C LEU A 110 -1.90 14.66 -5.36
N ALA A 111 -2.99 14.62 -4.59
CA ALA A 111 -3.12 15.44 -3.38
C ALA A 111 -2.03 15.10 -2.37
N GLY A 112 -1.81 13.81 -2.15
CA GLY A 112 -0.80 13.40 -1.19
C GLY A 112 0.60 13.81 -1.60
N PHE A 113 0.88 13.68 -2.89
CA PHE A 113 2.16 14.05 -3.46
C PHE A 113 2.39 15.55 -3.28
N ALA A 114 1.46 16.35 -3.80
CA ALA A 114 1.58 17.80 -3.68
C ALA A 114 1.72 18.22 -2.21
N GLY A 115 0.86 17.66 -1.36
CA GLY A 115 0.92 18.01 0.06
C GLY A 115 2.27 17.68 0.70
N ALA A 116 2.87 16.57 0.28
CA ALA A 116 4.16 16.14 0.82
C ALA A 116 5.28 17.09 0.40
N MET A 117 5.12 17.69 -0.77
CA MET A 117 6.12 18.62 -1.27
C MET A 117 5.83 20.07 -0.88
N VAL A 118 4.73 20.31 -0.16
CA VAL A 118 4.36 21.66 0.26
C VAL A 118 4.52 22.00 1.75
N PRO A 119 5.33 23.02 2.04
CA PRO A 119 5.57 23.46 3.42
C PRO A 119 4.41 24.31 3.90
N GLY A 120 4.13 24.29 5.20
CA GLY A 120 3.05 25.11 5.72
C GLY A 120 1.71 24.40 5.79
N ILE A 121 0.78 25.02 6.49
CA ILE A 121 -0.56 24.47 6.67
C ILE A 121 -1.31 24.21 5.39
N GLU A 122 -0.81 24.73 4.27
CA GLU A 122 -1.47 24.52 2.99
C GLU A 122 -1.48 23.05 2.60
N ARG A 123 -0.48 22.33 3.10
CA ARG A 123 -0.39 20.92 2.77
C ARG A 123 -1.58 20.18 3.35
N TYR A 124 -2.18 20.71 4.41
CA TYR A 124 -3.35 20.07 5.01
C TYR A 124 -4.61 20.26 4.16
N ALA A 125 -4.64 21.34 3.40
CA ALA A 125 -5.77 21.60 2.50
C ALA A 125 -5.65 20.55 1.37
N LEU A 126 -4.44 20.31 0.91
CA LEU A 126 -4.24 19.32 -0.14
C LEU A 126 -4.59 17.92 0.39
N PHE A 127 -4.24 17.68 1.65
CA PHE A 127 -4.56 16.39 2.24
C PHE A 127 -6.09 16.22 2.25
N GLY A 128 -6.78 17.29 2.63
CA GLY A 128 -8.25 17.26 2.66
C GLY A 128 -8.85 16.88 1.32
N MET A 129 -8.30 17.46 0.25
CA MET A 129 -8.75 17.16 -1.10
C MET A 129 -8.61 15.66 -1.36
N GLY A 130 -7.46 15.11 -1.02
CA GLY A 130 -7.26 13.68 -1.22
C GLY A 130 -8.19 12.85 -0.33
N ALA A 131 -8.35 13.24 0.92
CA ALA A 131 -9.21 12.48 1.83
C ALA A 131 -10.66 12.40 1.34
N VAL A 132 -11.18 13.51 0.85
CA VAL A 132 -12.56 13.53 0.32
C VAL A 132 -12.67 12.67 -0.94
N ALA A 133 -11.68 12.79 -1.82
CA ALA A 133 -11.69 11.98 -3.03
C ALA A 133 -11.66 10.48 -2.66
N PHE A 134 -10.89 10.15 -1.63
CA PHE A 134 -10.77 8.76 -1.17
C PHE A 134 -12.13 8.23 -0.68
N LEU A 135 -12.85 9.05 0.07
CA LEU A 135 -14.18 8.62 0.52
C LEU A 135 -15.08 8.38 -0.68
N GLY A 136 -14.94 9.21 -1.72
CA GLY A 136 -15.74 8.98 -2.91
C GLY A 136 -15.35 7.66 -3.56
N LEU A 137 -14.04 7.40 -3.61
CA LEU A 137 -13.57 6.16 -4.20
C LEU A 137 -14.12 4.96 -3.41
N VAL A 138 -14.00 5.01 -2.08
CA VAL A 138 -14.52 3.93 -1.23
C VAL A 138 -16.01 3.68 -1.54
N TYR A 139 -16.79 4.76 -1.63
CA TYR A 139 -18.22 4.65 -1.96
C TYR A 139 -18.44 3.84 -3.25
N TYR A 140 -17.70 4.20 -4.29
CA TYR A 140 -17.84 3.50 -5.57
C TYR A 140 -17.47 2.01 -5.44
N LEU A 141 -16.39 1.72 -4.73
CA LEU A 141 -15.96 0.33 -4.54
C LEU A 141 -16.95 -0.53 -3.77
N VAL A 142 -17.54 0.06 -2.74
CA VAL A 142 -18.48 -0.70 -1.90
C VAL A 142 -19.92 -0.64 -2.40
N GLY A 143 -20.21 0.38 -3.20
CA GLY A 143 -21.55 0.55 -3.74
C GLY A 143 -21.72 0.10 -5.18
N PRO A 144 -21.78 1.04 -6.13
CA PRO A 144 -21.94 0.80 -7.57
C PRO A 144 -21.10 -0.35 -8.15
N MET A 145 -19.82 -0.37 -7.80
CA MET A 145 -18.95 -1.44 -8.30
C MET A 145 -19.25 -2.80 -7.69
N THR A 146 -19.75 -2.82 -6.47
CA THR A 146 -20.09 -4.09 -5.83
C THR A 146 -21.36 -4.65 -6.46
N GLU A 147 -22.26 -3.75 -6.83
CA GLU A 147 -23.51 -4.16 -7.46
C GLU A 147 -23.21 -4.68 -8.85
N SER A 148 -22.22 -4.07 -9.50
CA SER A 148 -21.81 -4.50 -10.84
C SER A 148 -21.19 -5.90 -10.77
N ALA A 149 -20.35 -6.11 -9.77
CA ALA A 149 -19.69 -7.40 -9.58
C ALA A 149 -20.70 -8.50 -9.28
N SER A 150 -21.79 -8.12 -8.61
CA SER A 150 -22.84 -9.07 -8.27
C SER A 150 -23.54 -9.67 -9.50
N GLN A 151 -23.27 -9.08 -10.67
CA GLN A 151 -23.86 -9.59 -11.90
C GLN A 151 -22.94 -10.63 -12.56
N ARG A 152 -21.78 -10.88 -11.94
CA ARG A 152 -20.82 -11.82 -12.47
C ARG A 152 -21.05 -13.15 -11.75
N SER A 153 -20.18 -14.11 -12.01
CA SER A 153 -20.27 -15.42 -11.36
C SER A 153 -20.01 -15.29 -9.87
N SER A 154 -20.41 -16.31 -9.11
CA SER A 154 -20.19 -16.31 -7.66
C SER A 154 -18.71 -16.25 -7.33
N GLY A 155 -17.89 -16.89 -8.17
CA GLY A 155 -16.45 -16.88 -7.93
C GLY A 155 -15.88 -15.49 -8.14
N ILE A 156 -16.36 -14.78 -9.16
CA ILE A 156 -15.86 -13.45 -9.46
C ILE A 156 -16.29 -12.47 -8.37
N LYS A 157 -17.57 -12.55 -8.00
CA LYS A 157 -18.12 -11.69 -6.97
C LYS A 157 -17.38 -11.94 -5.67
N SER A 158 -17.12 -13.21 -5.39
CA SER A 158 -16.43 -13.57 -4.16
C SER A 158 -15.00 -13.00 -4.14
N LEU A 159 -14.30 -13.12 -5.26
CA LEU A 159 -12.96 -12.59 -5.37
C LEU A 159 -12.97 -11.05 -5.26
N TYR A 160 -13.92 -10.43 -5.94
CA TYR A 160 -14.01 -8.98 -5.92
C TYR A 160 -14.16 -8.49 -4.48
N VAL A 161 -15.06 -9.13 -3.76
CA VAL A 161 -15.32 -8.74 -2.38
C VAL A 161 -14.11 -8.90 -1.48
N ARG A 162 -13.40 -10.00 -1.64
CA ARG A 162 -12.21 -10.24 -0.83
C ARG A 162 -11.13 -9.18 -1.10
N LEU A 163 -10.88 -8.87 -2.37
CA LEU A 163 -9.88 -7.89 -2.76
C LEU A 163 -10.34 -6.46 -2.43
N ARG A 164 -11.64 -6.23 -2.53
CA ARG A 164 -12.19 -4.92 -2.22
C ARG A 164 -12.04 -4.65 -0.71
N ASN A 165 -12.30 -5.67 0.11
CA ASN A 165 -12.18 -5.49 1.57
C ASN A 165 -10.75 -5.23 1.98
N LEU A 166 -9.83 -5.98 1.37
CA LEU A 166 -8.41 -5.79 1.67
C LEU A 166 -7.99 -4.35 1.31
N THR A 167 -8.42 -3.91 0.13
CA THR A 167 -8.09 -2.58 -0.38
C THR A 167 -8.69 -1.47 0.47
N VAL A 168 -10.00 -1.51 0.71
CA VAL A 168 -10.61 -0.45 1.48
C VAL A 168 -10.02 -0.32 2.87
N ILE A 169 -9.90 -1.45 3.55
CA ILE A 169 -9.39 -1.43 4.91
C ILE A 169 -7.93 -0.96 5.01
N LEU A 170 -7.05 -1.52 4.18
CA LEU A 170 -5.65 -1.12 4.25
C LEU A 170 -5.35 0.22 3.61
N TRP A 171 -6.07 0.58 2.55
CA TRP A 171 -5.81 1.88 1.96
C TRP A 171 -6.16 2.96 2.98
N ALA A 172 -7.17 2.70 3.80
CA ALA A 172 -7.60 3.68 4.81
C ALA A 172 -6.53 4.02 5.85
N ILE A 173 -5.53 3.15 5.97
CA ILE A 173 -4.46 3.39 6.93
C ILE A 173 -3.40 4.36 6.40
N TYR A 174 -3.18 4.38 5.09
CA TYR A 174 -2.17 5.30 4.52
C TYR A 174 -2.31 6.78 4.93
N PRO A 175 -3.54 7.33 4.89
CA PRO A 175 -3.70 8.73 5.28
C PRO A 175 -3.28 9.02 6.71
N PHE A 176 -3.45 8.03 7.59
CA PHE A 176 -3.05 8.20 8.99
C PHE A 176 -1.52 8.23 9.09
N ILE A 177 -0.86 7.41 8.28
CA ILE A 177 0.59 7.43 8.30
C ILE A 177 1.10 8.73 7.70
N TRP A 178 0.37 9.24 6.71
CA TRP A 178 0.76 10.49 6.09
C TRP A 178 0.63 11.62 7.13
N LEU A 179 -0.50 11.67 7.82
CA LEU A 179 -0.73 12.72 8.82
C LEU A 179 0.22 12.66 9.99
N LEU A 180 0.50 11.45 10.46
CA LEU A 180 1.37 11.30 11.62
C LEU A 180 2.84 11.24 11.23
N GLY A 181 3.10 10.91 9.97
CA GLY A 181 4.46 10.80 9.49
C GLY A 181 5.09 12.13 9.09
N PRO A 182 6.27 12.08 8.46
CA PRO A 182 7.01 13.25 8.01
C PRO A 182 6.18 14.28 7.22
N PRO A 183 5.27 13.81 6.34
CA PRO A 183 4.45 14.77 5.57
C PRO A 183 3.58 15.66 6.45
N GLY A 184 3.07 15.07 7.54
CA GLY A 184 2.20 15.81 8.45
C GLY A 184 2.87 16.39 9.68
N VAL A 185 2.50 15.90 10.87
CA VAL A 185 3.06 16.41 12.13
C VAL A 185 4.43 15.81 12.45
N ALA A 186 4.86 14.85 11.64
CA ALA A 186 6.15 14.23 11.82
C ALA A 186 6.37 13.60 13.20
N LEU A 187 5.38 12.89 13.70
CA LEU A 187 5.51 12.19 14.99
C LEU A 187 6.22 10.84 14.75
N LEU A 188 6.07 10.32 13.54
CA LEU A 188 6.74 9.08 13.16
C LEU A 188 8.04 9.47 12.47
N THR A 189 9.13 8.81 12.81
CA THR A 189 10.42 9.08 12.18
C THR A 189 10.43 8.46 10.77
N PRO A 190 11.35 8.91 9.90
CA PRO A 190 11.44 8.38 8.54
C PRO A 190 11.54 6.87 8.54
N THR A 191 12.38 6.32 9.41
CA THR A 191 12.55 4.87 9.49
C THR A 191 11.25 4.12 9.78
N VAL A 192 10.53 4.57 10.81
CA VAL A 192 9.28 3.93 11.18
C VAL A 192 8.24 4.10 10.07
N ASP A 193 8.20 5.31 9.52
CA ASP A 193 7.28 5.61 8.41
C ASP A 193 7.57 4.64 7.23
N VAL A 194 8.83 4.57 6.82
CA VAL A 194 9.20 3.70 5.71
C VAL A 194 8.90 2.22 5.97
N ALA A 195 9.13 1.78 7.20
CA ALA A 195 8.89 0.38 7.58
C ALA A 195 7.40 0.06 7.47
N LEU A 196 6.55 0.94 7.99
CA LEU A 196 5.13 0.71 7.90
C LEU A 196 4.62 0.68 6.45
N ILE A 197 5.15 1.57 5.63
CA ILE A 197 4.72 1.65 4.22
C ILE A 197 5.19 0.44 3.41
N VAL A 198 6.38 -0.05 3.74
CA VAL A 198 6.92 -1.22 3.05
C VAL A 198 5.98 -2.39 3.33
N TYR A 199 5.56 -2.50 4.58
CA TYR A 199 4.65 -3.58 4.96
C TYR A 199 3.32 -3.44 4.23
N LEU A 200 2.72 -2.25 4.31
CA LEU A 200 1.44 -2.01 3.63
C LEU A 200 1.51 -2.20 2.11
N ASP A 201 2.57 -1.68 1.49
CA ASP A 201 2.74 -1.80 0.04
C ASP A 201 2.82 -3.27 -0.38
N LEU A 202 3.57 -4.08 0.36
CA LEU A 202 3.70 -5.49 0.01
C LEU A 202 2.36 -6.20 0.11
N VAL A 203 1.58 -5.86 1.13
CA VAL A 203 0.27 -6.50 1.27
C VAL A 203 -0.73 -6.05 0.21
N THR A 204 -0.84 -4.74 0.01
CA THR A 204 -1.78 -4.18 -0.94
C THR A 204 -1.46 -4.48 -2.39
N LYS A 205 -0.22 -4.87 -2.66
CA LYS A 205 0.20 -5.23 -4.02
C LYS A 205 0.51 -6.72 -4.20
N VAL A 206 1.47 -7.22 -3.43
CA VAL A 206 1.87 -8.63 -3.53
C VAL A 206 0.83 -9.53 -2.87
N GLY A 207 0.37 -9.15 -1.67
CA GLY A 207 -0.65 -9.97 -1.02
C GLY A 207 -1.89 -10.01 -1.88
N PHE A 208 -2.28 -8.82 -2.35
CA PHE A 208 -3.43 -8.63 -3.23
C PHE A 208 -3.31 -9.62 -4.41
N GLY A 209 -2.15 -9.65 -5.05
CA GLY A 209 -1.94 -10.53 -6.20
C GLY A 209 -2.02 -12.01 -5.85
N PHE A 210 -1.41 -12.41 -4.75
CA PHE A 210 -1.46 -13.82 -4.36
C PHE A 210 -2.87 -14.32 -4.09
N ILE A 211 -3.71 -13.45 -3.52
CA ILE A 211 -5.11 -13.81 -3.27
C ILE A 211 -5.78 -14.07 -4.64
N ALA A 212 -5.51 -13.20 -5.62
CA ALA A 212 -6.08 -13.40 -6.95
C ALA A 212 -5.55 -14.71 -7.57
N LEU A 213 -4.25 -14.93 -7.46
CA LEU A 213 -3.64 -16.15 -8.00
C LEU A 213 -4.26 -17.39 -7.37
N ASP A 214 -4.53 -17.33 -6.06
CA ASP A 214 -5.13 -18.47 -5.35
C ASP A 214 -6.55 -18.76 -5.81
N ALA A 215 -7.21 -17.75 -6.38
CA ALA A 215 -8.60 -17.94 -6.84
C ALA A 215 -8.69 -18.38 -8.30
N ALA A 216 -7.61 -18.16 -9.06
CA ALA A 216 -7.58 -18.48 -10.48
C ALA A 216 -8.15 -19.84 -10.88
N ALA A 217 -7.63 -20.90 -10.27
CA ALA A 217 -8.08 -22.26 -10.57
C ALA A 217 -9.60 -22.44 -10.38
N THR A 218 -10.11 -21.95 -9.26
CA THR A 218 -11.54 -22.06 -8.96
C THR A 218 -12.38 -21.33 -10.01
N LEU A 219 -11.91 -20.16 -10.42
CA LEU A 219 -12.63 -19.38 -11.44
C LEU A 219 -12.66 -20.10 -12.78
N ARG A 220 -11.59 -20.81 -13.11
CA ARG A 220 -11.57 -21.55 -14.38
C ARG A 220 -12.58 -22.71 -14.33
N ALA A 221 -12.62 -23.37 -13.17
CA ALA A 221 -13.51 -24.50 -12.97
C ALA A 221 -14.98 -24.07 -13.10
N GLU A 222 -15.27 -22.82 -12.74
CA GLU A 222 -16.63 -22.31 -12.84
C GLU A 222 -17.14 -22.30 -14.27
N HIS A 223 -16.25 -22.05 -15.22
CA HIS A 223 -16.62 -22.01 -16.63
C HIS A 223 -16.56 -23.38 -17.29
N GLY A 224 -16.41 -24.42 -16.47
CA GLY A 224 -16.35 -25.77 -17.00
C GLY A 224 -14.97 -26.28 -17.34
N GLU A 225 -13.93 -25.56 -16.94
CA GLU A 225 -12.56 -25.98 -17.23
C GLU A 225 -12.11 -27.06 -16.25
N GLY B 1 -2.71 -20.01 13.90
CA GLY B 1 -1.37 -20.68 13.86
C GLY B 1 -0.33 -19.86 13.13
N ALA B 2 -0.22 -20.07 11.82
CA ALA B 2 0.75 -19.36 11.01
C ALA B 2 0.52 -17.85 10.99
N VAL B 3 -0.74 -17.41 11.13
CA VAL B 3 -1.01 -15.98 11.13
C VAL B 3 -0.55 -15.33 12.43
N PHE B 4 -0.83 -15.97 13.56
CA PHE B 4 -0.42 -15.43 14.85
C PHE B 4 1.11 -15.34 14.85
N ILE B 5 1.75 -16.37 14.30
CA ILE B 5 3.20 -16.40 14.23
C ILE B 5 3.69 -15.25 13.34
N PHE B 6 3.03 -15.09 12.20
CA PHE B 6 3.40 -14.04 11.24
C PHE B 6 3.32 -12.64 11.86
N VAL B 7 2.16 -12.30 12.41
CA VAL B 7 1.98 -10.99 13.01
C VAL B 7 2.85 -10.83 14.25
N GLY B 8 3.02 -11.90 15.02
CA GLY B 8 3.84 -11.82 16.21
C GLY B 8 5.28 -11.60 15.84
N ALA B 9 5.75 -12.34 14.83
CA ALA B 9 7.13 -12.22 14.38
C ALA B 9 7.41 -10.81 13.85
N LEU B 10 6.50 -10.32 13.01
CA LEU B 10 6.64 -8.99 12.43
C LEU B 10 6.63 -7.92 13.51
N THR B 11 5.73 -8.05 14.47
CA THR B 11 5.65 -7.07 15.55
C THR B 11 7.00 -7.02 16.27
N VAL B 12 7.58 -8.19 16.51
CA VAL B 12 8.87 -8.27 17.18
C VAL B 12 9.94 -7.60 16.31
N LEU B 13 9.83 -7.81 15.01
CA LEU B 13 10.77 -7.23 14.05
C LEU B 13 10.67 -5.71 14.10
N PHE B 14 9.43 -5.21 14.11
CA PHE B 14 9.20 -3.76 14.15
C PHE B 14 9.75 -3.21 15.46
N GLY B 15 9.52 -3.93 16.54
CA GLY B 15 9.99 -3.51 17.85
C GLY B 15 11.50 -3.39 17.85
N ALA B 16 12.16 -4.36 17.25
CA ALA B 16 13.63 -4.37 17.19
C ALA B 16 14.13 -3.14 16.45
N ILE B 17 13.49 -2.83 15.33
CA ILE B 17 13.86 -1.66 14.53
C ILE B 17 13.62 -0.39 15.36
N ALA B 18 12.46 -0.33 15.99
CA ALA B 18 12.12 0.81 16.84
C ALA B 18 13.14 0.93 17.97
N TYR B 19 13.43 -0.19 18.62
CA TYR B 19 14.42 -0.22 19.69
C TYR B 19 15.76 0.33 19.19
N GLY B 20 16.14 -0.08 17.99
CA GLY B 20 17.39 0.38 17.41
C GLY B 20 17.45 1.89 17.35
N GLU B 21 16.34 2.52 16.95
CA GLU B 21 16.30 3.98 16.85
C GLU B 21 16.41 4.64 18.21
N VAL B 22 15.75 4.05 19.20
CA VAL B 22 15.80 4.60 20.55
C VAL B 22 17.22 4.51 21.11
N THR B 23 17.87 3.37 20.92
CA THR B 23 19.23 3.15 21.42
C THR B 23 20.20 4.14 20.78
N ALA B 24 20.10 4.31 19.47
CA ALA B 24 20.95 5.23 18.73
C ALA B 24 20.77 6.66 19.24
N ALA B 25 19.53 7.04 19.51
CA ALA B 25 19.24 8.37 20.03
C ALA B 25 19.85 8.56 21.42
N ALA B 26 19.72 7.53 22.26
CA ALA B 26 20.24 7.57 23.62
C ALA B 26 21.76 7.79 23.61
N ALA B 27 22.43 7.16 22.66
CA ALA B 27 23.89 7.28 22.53
C ALA B 27 24.32 8.75 22.41
N THR B 28 23.46 9.57 21.83
CA THR B 28 23.78 10.98 21.65
C THR B 28 23.79 11.69 23.01
N GLY B 29 22.85 11.32 23.87
CA GLY B 29 22.77 11.94 25.18
C GLY B 29 21.67 12.98 25.24
N ASP B 30 20.97 13.16 24.13
CA ASP B 30 19.89 14.14 24.06
C ASP B 30 18.54 13.52 24.40
N ALA B 31 18.02 13.86 25.57
CA ALA B 31 16.74 13.34 26.04
C ALA B 31 15.62 13.62 25.04
N ALA B 32 15.70 14.76 24.37
CA ALA B 32 14.69 15.14 23.39
C ALA B 32 14.73 14.21 22.18
N ALA B 33 15.93 13.82 21.76
CA ALA B 33 16.10 12.92 20.63
C ALA B 33 15.52 11.56 20.95
N VAL B 34 15.75 11.12 22.18
CA VAL B 34 15.23 9.82 22.62
C VAL B 34 13.71 9.87 22.67
N GLN B 35 13.16 10.95 23.19
CA GLN B 35 11.70 11.08 23.27
C GLN B 35 11.05 10.99 21.88
N GLU B 36 11.68 11.62 20.89
CA GLU B 36 11.14 11.62 19.53
C GLU B 36 11.15 10.19 18.98
N ALA B 37 12.25 9.49 19.19
CA ALA B 37 12.35 8.10 18.73
C ALA B 37 11.35 7.21 19.47
N ALA B 38 11.11 7.49 20.76
CA ALA B 38 10.19 6.69 21.57
C ALA B 38 8.74 6.89 21.16
N VAL B 39 8.37 8.15 20.95
CA VAL B 39 7.01 8.47 20.55
C VAL B 39 6.72 7.82 19.19
N SER B 40 7.72 7.83 18.30
CA SER B 40 7.60 7.25 16.98
C SER B 40 7.37 5.75 17.11
N ALA B 41 8.11 5.12 18.02
CA ALA B 41 7.99 3.68 18.24
C ALA B 41 6.60 3.29 18.76
N ILE B 42 6.10 4.05 19.73
CA ILE B 42 4.81 3.76 20.32
C ILE B 42 3.69 3.90 19.29
N LEU B 43 3.69 5.03 18.58
CA LEU B 43 2.70 5.28 17.56
C LEU B 43 2.83 4.27 16.43
N GLY B 44 4.07 3.93 16.07
CA GLY B 44 4.28 2.97 15.01
C GLY B 44 3.73 1.60 15.37
N LEU B 45 3.92 1.19 16.62
CA LEU B 45 3.42 -0.11 17.06
C LEU B 45 1.88 -0.13 17.08
N ILE B 46 1.27 0.99 17.46
CA ILE B 46 -0.18 1.08 17.48
C ILE B 46 -0.70 0.95 16.03
N ILE B 47 -0.03 1.63 15.09
CA ILE B 47 -0.43 1.56 13.68
C ILE B 47 -0.22 0.14 13.15
N LEU B 48 0.90 -0.47 13.51
CA LEU B 48 1.19 -1.83 13.08
C LEU B 48 0.04 -2.76 13.52
N LEU B 49 -0.46 -2.55 14.74
CA LEU B 49 -1.60 -3.34 15.26
C LEU B 49 -2.79 -3.12 14.32
N GLY B 50 -2.99 -1.87 13.91
CA GLY B 50 -4.09 -1.59 13.00
C GLY B 50 -3.97 -2.36 11.70
N ILE B 51 -2.76 -2.37 11.14
CA ILE B 51 -2.51 -3.09 9.88
C ILE B 51 -2.78 -4.58 10.03
N ASN B 52 -2.23 -5.18 11.08
CA ASN B 52 -2.40 -6.60 11.33
C ASN B 52 -3.86 -6.96 11.51
N LEU B 53 -4.57 -6.16 12.30
CA LEU B 53 -5.99 -6.39 12.53
C LEU B 53 -6.78 -6.26 11.22
N GLY B 54 -6.46 -5.24 10.43
CA GLY B 54 -7.14 -5.05 9.17
C GLY B 54 -6.91 -6.21 8.22
N LEU B 55 -5.66 -6.69 8.18
CA LEU B 55 -5.29 -7.80 7.31
C LEU B 55 -6.08 -9.06 7.68
N VAL B 56 -6.10 -9.37 8.97
CA VAL B 56 -6.83 -10.54 9.46
C VAL B 56 -8.31 -10.48 9.09
N ALA B 57 -8.93 -9.33 9.34
CA ALA B 57 -10.36 -9.15 9.06
C ALA B 57 -10.66 -9.24 7.56
N ALA B 58 -9.73 -8.79 6.74
CA ALA B 58 -9.90 -8.79 5.29
C ALA B 58 -9.72 -10.18 4.68
N THR B 59 -8.93 -11.02 5.35
CA THR B 59 -8.68 -12.38 4.85
C THR B 59 -9.53 -13.44 5.56
N LEU B 60 -9.66 -13.31 6.87
CA LEU B 60 -10.44 -14.26 7.66
C LEU B 60 -11.87 -13.77 7.87
C1 BOG C . -13.00 -13.39 -16.93
O1 BOG C . -13.09 -13.91 -15.59
C2 BOG C . -13.95 -14.19 -17.85
O2 BOG C . -13.57 -15.56 -17.82
C3 BOG C . -13.89 -13.63 -19.30
O3 BOG C . -14.77 -14.37 -20.14
C4 BOG C . -14.30 -12.14 -19.28
O4 BOG C . -14.27 -11.60 -20.59
C5 BOG C . -13.32 -11.37 -18.35
O5 BOG C . -13.39 -11.97 -16.99
C6 BOG C . -13.71 -9.87 -18.31
O6 BOG C . -12.68 -9.02 -18.87
C1' BOG C . -12.22 -13.23 -14.69
C2' BOG C . -11.23 -14.18 -14.11
C3' BOG C . -9.95 -13.42 -13.92
C4' BOG C . -9.26 -13.70 -12.61
C5' BOG C . -7.80 -14.04 -12.88
C6' BOG C . -6.96 -14.01 -11.62
C7' BOG C . -5.49 -14.10 -11.93
C8' BOG C . -4.77 -12.95 -11.28
C1 RET D . -2.60 9.94 0.94
C2 RET D . -2.73 11.36 1.46
C3 RET D . -4.04 12.03 1.14
C4 RET D . -5.24 11.24 1.62
C5 RET D . -5.16 9.74 1.33
C6 RET D . -3.97 9.13 0.92
C7 RET D . -4.08 7.75 0.49
C8 RET D . -3.14 6.87 0.00
C9 RET D . -3.37 5.49 -0.44
C10 RET D . -2.23 4.86 -0.91
C11 RET D . -2.25 3.47 -1.37
C12 RET D . -1.02 3.05 -1.84
C13 RET D . -0.81 1.70 -2.38
C14 RET D . 0.50 1.53 -2.79
C15 RET D . 1.07 0.25 -3.17
C16 RET D . -2.02 10.04 -0.53
C17 RET D . -1.52 9.29 1.90
C18 RET D . -6.54 9.17 1.44
C19 RET D . -4.72 4.86 -0.36
C20 RET D . -1.93 0.72 -2.46
#